data_2QX2
#
_entry.id   2QX2
#
_cell.length_a   69.976
_cell.length_b   69.976
_cell.length_c   145.954
_cell.angle_alpha   90.00
_cell.angle_beta   90.00
_cell.angle_gamma   120.00
#
_symmetry.space_group_name_H-M   'P 32 1 2'
#
loop_
_entity.id
_entity.type
_entity.pdbx_description
1 polymer 'Sex pheromone staph-cAM373'
2 non-polymer 1,2-ETHANEDIOL
3 water water
#
_entity_poly.entity_id   1
_entity_poly.type   'polypeptide(L)'
_entity_poly.pdbx_seq_one_letter_code
;SNAPFKESQARGLLQDN(MSE)ANSYNGGDFEDGLLNLSKEVFPTDKYLYQDGQFLDKKTINAYLNPKYTKREIDK
(MSE)SEKDKKDKKANENLGLNPSHEGETNPEKIAEKSPAYLSNILEQDFYGGGDTKGKNIKG(MSE)TIGLA(MSE)NS
VYYYKKEKDGPTFSKKLDDSEVKKQGKQ(MSE)ASEILSRLRENDDLKDIPIHFAIYKQSSEDSITPGEFITQATAEKSQ
TKLNEWHNINEKSALLPSSTAADYDENLNNNFKQFNDNLQSYFSNFTQAVGKVKFVDKKPQRLVVDLPIDYYGQAETIGI
TQYVTEQANKYFDKIDNYEIRIKDGNQPRALISKTKDDKEPQVHIYSN
;
_entity_poly.pdbx_strand_id   A
#
loop_
_chem_comp.id
_chem_comp.type
_chem_comp.name
_chem_comp.formula
EDO non-polymer 1,2-ETHANEDIOL 'C2 H6 O2'
#
# COMPACT_ATOMS: atom_id res chain seq x y z
N LEU A 13 4.08 12.86 3.97
CA LEU A 13 5.29 11.99 4.01
C LEU A 13 4.94 10.54 3.63
N LEU A 14 3.89 10.40 2.84
CA LEU A 14 3.53 9.09 2.27
C LEU A 14 4.65 8.58 1.36
N GLN A 15 5.36 9.49 0.72
N GLN A 15 5.36 9.52 0.73
CA GLN A 15 6.45 9.13 -0.21
CA GLN A 15 6.45 9.25 -0.20
C GLN A 15 7.74 8.71 0.48
C GLN A 15 7.71 8.71 0.48
N ASP A 16 7.83 8.94 1.79
CA ASP A 16 9.02 8.54 2.58
C ASP A 16 9.27 7.03 2.46
N ASN A 17 10.50 6.65 2.06
CA ASN A 17 10.85 5.23 1.85
C ASN A 17 9.93 4.47 0.90
N MSE A 18 9.38 5.19 -0.07
CA MSE A 18 8.51 4.60 -1.10
C MSE A 18 8.90 5.19 -2.46
O MSE A 18 9.57 6.25 -2.51
CB MSE A 18 7.03 4.91 -0.80
CG MSE A 18 6.52 4.31 0.52
SE MSE A 18 6.59 2.35 0.55
CE MSE A 18 5.02 1.95 -0.56
N ALA A 19 8.44 4.55 -3.53
CA ALA A 19 8.76 4.98 -4.91
C ALA A 19 8.14 6.35 -5.17
N ASN A 20 6.92 6.57 -4.65
CA ASN A 20 6.23 7.86 -4.73
C ASN A 20 5.07 7.92 -3.72
N SER A 21 4.37 9.06 -3.63
CA SER A 21 3.29 9.23 -2.67
C SER A 21 2.11 8.30 -2.95
N TYR A 22 1.82 8.04 -4.22
N TYR A 22 1.81 8.09 -4.24
CA TYR A 22 0.67 7.21 -4.60
CA TYR A 22 0.72 7.20 -4.65
C TYR A 22 0.89 5.73 -4.29
C TYR A 22 0.95 5.83 -4.02
N ASN A 23 2.15 5.28 -4.21
CA ASN A 23 2.45 3.95 -3.69
C ASN A 23 2.36 3.93 -2.18
N GLY A 24 2.92 4.93 -1.54
CA GLY A 24 2.88 5.04 -0.09
C GLY A 24 1.46 5.01 0.46
N GLY A 25 0.59 5.80 -0.14
CA GLY A 25 -0.81 5.89 0.28
C GLY A 25 -1.55 4.60 0.00
N ASP A 26 -1.32 4.05 -1.19
CA ASP A 26 -2.02 2.86 -1.64
C ASP A 26 -1.61 1.60 -0.86
N PHE A 27 -0.31 1.52 -0.55
CA PHE A 27 0.28 0.45 0.27
C PHE A 27 -0.39 0.40 1.67
N GLU A 28 -0.47 1.56 2.31
CA GLU A 28 -1.09 1.61 3.64
C GLU A 28 -2.59 1.27 3.61
N ASP A 29 -3.34 1.84 2.66
CA ASP A 29 -4.77 1.57 2.63
C ASP A 29 -5.01 0.11 2.30
N GLY A 30 -4.18 -0.43 1.41
CA GLY A 30 -4.25 -1.83 1.05
C GLY A 30 -3.91 -2.71 2.25
N LEU A 31 -2.90 -2.33 3.04
CA LEU A 31 -2.59 -3.16 4.22
C LEU A 31 -3.79 -3.11 5.16
N LEU A 32 -4.36 -1.93 5.36
CA LEU A 32 -5.51 -1.78 6.23
C LEU A 32 -6.67 -2.67 5.80
N ASN A 33 -6.84 -2.78 4.49
CA ASN A 33 -7.91 -3.55 3.89
C ASN A 33 -7.74 -5.03 4.23
N LEU A 34 -6.50 -5.51 4.21
CA LEU A 34 -6.23 -6.90 4.64
C LEU A 34 -6.46 -7.07 6.12
N SER A 35 -6.04 -6.08 6.91
CA SER A 35 -6.24 -6.12 8.36
C SER A 35 -7.73 -6.18 8.67
N LYS A 36 -8.55 -5.46 7.91
CA LYS A 36 -10.00 -5.51 8.12
C LYS A 36 -10.60 -6.91 7.92
N GLU A 37 -9.94 -7.74 7.11
CA GLU A 37 -10.29 -9.16 6.96
C GLU A 37 -9.80 -10.03 8.11
N VAL A 38 -8.54 -9.87 8.49
CA VAL A 38 -7.93 -10.77 9.47
C VAL A 38 -8.32 -10.37 10.89
N PHE A 39 -8.34 -9.07 11.15
CA PHE A 39 -8.63 -8.54 12.48
C PHE A 39 -9.81 -7.56 12.33
N PRO A 40 -11.05 -8.08 12.23
CA PRO A 40 -12.16 -7.21 11.89
C PRO A 40 -12.40 -6.09 12.92
N THR A 41 -12.84 -4.94 12.43
CA THR A 41 -13.12 -3.80 13.32
C THR A 41 -14.20 -4.05 14.39
N ASP A 42 -15.15 -4.95 14.11
N ASP A 42 -15.16 -4.95 14.10
CA ASP A 42 -16.20 -5.28 15.09
CA ASP A 42 -16.19 -5.29 15.09
C ASP A 42 -15.64 -6.10 16.26
C ASP A 42 -15.60 -6.01 16.30
N LYS A 43 -14.39 -6.51 16.15
CA LYS A 43 -13.77 -7.36 17.17
C LYS A 43 -12.52 -6.74 17.78
N TYR A 44 -11.79 -5.94 16.99
CA TYR A 44 -10.50 -5.39 17.40
C TYR A 44 -10.43 -3.87 17.36
N LEU A 45 -9.77 -3.32 18.38
N LEU A 45 -9.75 -3.31 18.36
CA LEU A 45 -9.36 -1.91 18.42
CA LEU A 45 -9.44 -1.90 18.37
C LEU A 45 -8.10 -1.69 17.59
C LEU A 45 -8.11 -1.63 17.66
N TYR A 46 -8.14 -0.72 16.69
CA TYR A 46 -7.03 -0.48 15.75
C TYR A 46 -6.05 0.57 16.27
N GLN A 47 -4.75 0.28 16.16
CA GLN A 47 -3.69 1.23 16.53
C GLN A 47 -2.53 1.24 15.53
N ASP A 48 -1.83 2.37 15.48
CA ASP A 48 -0.58 2.42 14.74
C ASP A 48 0.44 1.54 15.42
N GLY A 49 1.35 0.98 14.62
CA GLY A 49 2.34 0.08 15.15
C GLY A 49 3.28 0.73 16.11
N GLN A 50 3.53 0.05 17.23
CA GLN A 50 4.43 0.53 18.26
C GLN A 50 5.64 -0.36 18.54
N PHE A 51 5.60 -1.61 18.09
CA PHE A 51 6.64 -2.55 18.52
C PHE A 51 7.94 -2.46 17.71
N LEU A 52 7.84 -2.07 16.44
CA LEU A 52 9.01 -1.75 15.63
C LEU A 52 9.11 -0.24 15.56
N ASP A 53 10.03 0.36 16.32
CA ASP A 53 10.15 1.83 16.28
C ASP A 53 10.86 2.23 15.00
N LYS A 54 10.90 3.52 14.68
CA LYS A 54 11.39 3.90 13.36
C LYS A 54 12.89 3.66 13.20
N LYS A 55 13.64 3.75 14.28
CA LYS A 55 15.08 3.44 14.22
C LYS A 55 15.28 1.96 13.90
N THR A 56 14.44 1.11 14.46
CA THR A 56 14.54 -0.33 14.18
C THR A 56 14.14 -0.62 12.73
N ILE A 57 13.02 -0.07 12.29
CA ILE A 57 12.64 -0.19 10.87
C ILE A 57 13.76 0.28 9.93
N ASN A 58 14.31 1.46 10.21
CA ASN A 58 15.41 1.97 9.39
C ASN A 58 16.61 1.01 9.33
N ALA A 59 16.91 0.36 10.45
CA ALA A 59 17.97 -0.65 10.49
C ALA A 59 17.62 -1.87 9.63
N TYR A 60 16.36 -2.28 9.63
CA TYR A 60 15.94 -3.46 8.86
C TYR A 60 16.06 -3.14 7.36
N LEU A 61 15.92 -1.86 7.01
CA LEU A 61 15.95 -1.42 5.59
C LEU A 61 17.35 -1.31 5.00
N ASN A 62 18.36 -1.30 5.88
CA ASN A 62 19.74 -1.32 5.47
C ASN A 62 20.11 -2.61 4.76
N PRO A 63 21.19 -2.57 3.96
CA PRO A 63 21.77 -3.84 3.54
C PRO A 63 22.36 -4.55 4.77
N LYS A 64 22.46 -5.88 4.73
CA LYS A 64 23.24 -6.59 5.72
C LYS A 64 24.72 -6.24 5.51
N TYR A 65 25.46 -6.03 6.60
CA TYR A 65 26.85 -5.58 6.49
C TYR A 65 27.83 -6.73 6.68
N THR A 66 28.95 -6.67 5.95
CA THR A 66 30.05 -7.60 6.17
C THR A 66 30.87 -7.15 7.38
N LYS A 67 31.75 -8.02 7.87
CA LYS A 67 32.65 -7.67 8.96
C LYS A 67 33.49 -6.42 8.61
N ARG A 68 34.11 -6.43 7.42
CA ARG A 68 34.90 -5.30 6.93
C ARG A 68 34.14 -3.99 6.76
N GLU A 69 32.90 -4.07 6.29
CA GLU A 69 32.04 -2.90 6.19
C GLU A 69 31.80 -2.28 7.56
N ILE A 70 31.56 -3.11 8.58
CA ILE A 70 31.40 -2.58 9.93
C ILE A 70 32.72 -2.02 10.48
N ASP A 71 33.83 -2.74 10.25
CA ASP A 71 35.16 -2.25 10.64
C ASP A 71 35.39 -0.78 10.30
N LYS A 72 34.99 -0.34 9.10
CA LYS A 72 35.30 1.02 8.67
C LYS A 72 34.16 2.02 8.86
N MSE A 73 33.11 1.58 9.53
CA MSE A 73 31.99 2.45 9.82
C MSE A 73 32.31 3.26 11.09
O MSE A 73 32.90 2.74 12.02
CB MSE A 73 30.76 1.58 10.03
CG MSE A 73 29.47 2.31 10.06
SE MSE A 73 28.05 0.99 10.21
CE MSE A 73 28.32 0.04 8.54
N SER A 74 31.92 4.54 11.11
CA SER A 74 32.21 5.38 12.28
C SER A 74 31.39 4.90 13.48
N GLU A 75 31.89 5.17 14.68
CA GLU A 75 31.15 4.87 15.90
C GLU A 75 29.72 5.46 15.85
N LYS A 76 29.62 6.71 15.42
CA LYS A 76 28.31 7.38 15.25
C LYS A 76 27.36 6.61 14.30
N ASP A 77 27.86 6.23 13.13
CA ASP A 77 27.06 5.42 12.21
C ASP A 77 26.73 4.04 12.77
N LYS A 78 27.69 3.41 13.44
CA LYS A 78 27.42 2.11 14.06
C LYS A 78 26.23 2.25 14.99
N LYS A 79 26.24 3.33 15.77
CA LYS A 79 25.17 3.61 16.71
C LYS A 79 23.83 3.86 16.03
N ASP A 80 23.80 4.80 15.10
CA ASP A 80 22.56 5.15 14.40
C ASP A 80 21.98 3.91 13.70
N LYS A 81 22.86 3.11 13.11
CA LYS A 81 22.45 1.96 12.28
C LYS A 81 22.23 0.64 13.03
N LYS A 82 22.44 0.66 14.35
CA LYS A 82 22.41 -0.56 15.14
C LYS A 82 23.36 -1.64 14.55
N ALA A 83 24.53 -1.20 14.09
CA ALA A 83 25.43 -2.07 13.31
C ALA A 83 25.85 -3.36 13.98
N ASN A 84 26.05 -3.31 15.29
N ASN A 84 26.08 -3.30 15.29
CA ASN A 84 26.49 -4.48 16.03
CA ASN A 84 26.45 -4.49 16.04
C ASN A 84 25.35 -5.53 16.23
C ASN A 84 25.40 -5.58 15.89
N GLU A 85 24.13 -5.17 15.80
CA GLU A 85 23.02 -6.12 15.67
C GLU A 85 22.85 -6.59 14.22
N ASN A 86 23.37 -5.80 13.28
CA ASN A 86 23.40 -6.12 11.85
C ASN A 86 22.06 -6.65 11.33
N LEU A 87 21.05 -5.80 11.42
CA LEU A 87 19.65 -6.16 11.22
C LEU A 87 19.15 -5.98 9.79
N GLY A 88 20.00 -5.46 8.90
CA GLY A 88 19.60 -5.17 7.51
C GLY A 88 19.07 -6.38 6.74
N LEU A 89 17.92 -6.22 6.10
CA LEU A 89 17.28 -7.33 5.39
C LEU A 89 17.59 -7.26 3.91
N ASN A 90 18.05 -6.10 3.46
CA ASN A 90 18.41 -5.95 2.05
C ASN A 90 19.74 -6.65 1.70
N PRO A 91 19.93 -7.02 0.42
CA PRO A 91 21.16 -7.76 0.05
C PRO A 91 22.44 -7.02 0.49
N SER A 92 23.40 -7.77 1.06
CA SER A 92 24.73 -7.23 1.37
C SER A 92 25.39 -6.71 0.11
N HIS A 93 26.08 -5.57 0.22
CA HIS A 93 26.87 -5.09 -0.90
C HIS A 93 28.20 -5.84 -1.06
N GLU A 94 28.57 -6.60 -0.02
CA GLU A 94 29.74 -7.48 -0.08
C GLU A 94 31.00 -6.70 -0.43
N GLY A 95 31.15 -5.52 0.15
CA GLY A 95 32.31 -4.70 -0.11
C GLY A 95 32.24 -3.81 -1.34
N GLU A 96 31.30 -4.10 -2.26
CA GLU A 96 31.14 -3.30 -3.48
C GLU A 96 30.68 -1.86 -3.15
N THR A 97 31.29 -0.86 -3.80
CA THR A 97 30.94 0.55 -3.54
C THR A 97 30.53 1.33 -4.81
N ASN A 98 30.81 0.76 -5.97
CA ASN A 98 30.36 1.31 -7.26
C ASN A 98 28.83 1.28 -7.36
N PRO A 99 28.18 2.45 -7.48
CA PRO A 99 26.71 2.47 -7.52
C PRO A 99 26.09 1.55 -8.57
N GLU A 100 26.64 1.54 -9.79
CA GLU A 100 26.07 0.70 -10.86
C GLU A 100 26.27 -0.77 -10.56
N LYS A 101 27.45 -1.14 -10.05
CA LYS A 101 27.72 -2.53 -9.68
C LYS A 101 26.78 -3.01 -8.56
N ILE A 102 26.54 -2.15 -7.56
CA ILE A 102 25.54 -2.45 -6.54
C ILE A 102 24.18 -2.70 -7.18
N ALA A 103 23.78 -1.84 -8.13
CA ALA A 103 22.48 -2.02 -8.81
C ALA A 103 22.40 -3.38 -9.51
N GLU A 104 23.52 -3.79 -10.08
CA GLU A 104 23.63 -5.07 -10.77
C GLU A 104 23.55 -6.27 -9.83
N LYS A 105 24.24 -6.19 -8.69
CA LYS A 105 24.44 -7.38 -7.83
C LYS A 105 23.64 -7.40 -6.53
N SER A 106 23.42 -6.23 -5.93
CA SER A 106 22.82 -6.19 -4.59
C SER A 106 21.88 -5.00 -4.42
N PRO A 107 20.93 -4.83 -5.37
CA PRO A 107 19.96 -3.75 -5.30
C PRO A 107 19.02 -3.92 -4.11
N ALA A 108 18.45 -2.81 -3.64
CA ALA A 108 17.50 -2.84 -2.53
C ALA A 108 16.16 -3.37 -3.03
N TYR A 109 15.69 -4.44 -2.40
CA TYR A 109 14.39 -5.06 -2.69
C TYR A 109 13.30 -4.52 -1.77
N LEU A 110 13.67 -4.25 -0.53
CA LEU A 110 12.74 -3.81 0.47
C LEU A 110 12.85 -2.28 0.58
N SER A 111 11.69 -1.63 0.44
CA SER A 111 11.54 -0.18 0.50
C SER A 111 11.08 0.33 1.87
N ASN A 112 10.08 -0.31 2.46
CA ASN A 112 9.53 0.14 3.75
C ASN A 112 8.80 -0.99 4.47
N ILE A 113 8.59 -0.80 5.78
CA ILE A 113 7.84 -1.75 6.59
C ILE A 113 6.78 -0.91 7.30
N LEU A 114 5.55 -1.43 7.31
CA LEU A 114 4.44 -0.82 8.04
C LEU A 114 3.83 -1.81 9.00
N GLU A 115 3.65 -1.38 10.25
CA GLU A 115 3.07 -2.18 11.34
C GLU A 115 1.75 -1.61 11.85
N GLN A 116 0.78 -2.48 12.04
CA GLN A 116 -0.51 -2.15 12.64
C GLN A 116 -0.76 -3.09 13.84
N ASP A 117 -1.18 -2.52 14.96
CA ASP A 117 -1.39 -3.27 16.19
C ASP A 117 -2.88 -3.36 16.54
N PHE A 118 -3.28 -4.48 17.14
CA PHE A 118 -4.69 -4.74 17.45
C PHE A 118 -4.91 -5.20 18.87
N TYR A 119 -5.94 -4.62 19.48
CA TYR A 119 -6.27 -4.83 20.90
C TYR A 119 -7.75 -5.22 21.01
N GLY A 120 -8.15 -5.73 22.16
CA GLY A 120 -9.54 -6.17 22.36
C GLY A 120 -10.50 -5.03 22.64
N LYS A 127 -3.71 -2.60 28.26
CA LYS A 127 -3.43 -2.87 26.85
C LYS A 127 -2.66 -4.17 26.71
N ASN A 128 -3.39 -5.24 26.42
CA ASN A 128 -2.75 -6.48 26.01
C ASN A 128 -2.96 -6.68 24.52
N ILE A 129 -1.89 -6.52 23.75
CA ILE A 129 -1.99 -6.68 22.31
C ILE A 129 -2.62 -8.04 21.99
N LYS A 130 -3.47 -8.07 20.98
CA LYS A 130 -4.18 -9.27 20.56
C LYS A 130 -3.84 -9.73 19.14
N GLY A 131 -3.19 -8.87 18.36
CA GLY A 131 -2.85 -9.20 16.98
C GLY A 131 -1.96 -8.11 16.42
N MSE A 132 -1.38 -8.38 15.26
CA MSE A 132 -0.50 -7.42 14.58
C MSE A 132 -0.48 -7.72 13.10
O MSE A 132 -0.54 -8.90 12.70
CB MSE A 132 0.93 -7.52 15.13
CG MSE A 132 1.93 -6.52 14.57
SE MSE A 132 3.70 -6.75 15.33
CE MSE A 132 3.29 -6.29 17.20
N THR A 133 -0.36 -6.67 12.28
CA THR A 133 -0.16 -6.85 10.86
C THR A 133 1.16 -6.19 10.47
N ILE A 134 1.96 -6.89 9.66
CA ILE A 134 3.20 -6.35 9.12
C ILE A 134 3.13 -6.32 7.61
N GLY A 135 3.27 -5.13 7.04
CA GLY A 135 3.31 -5.01 5.60
C GLY A 135 4.74 -4.72 5.18
N LEU A 136 5.18 -5.40 4.13
CA LEU A 136 6.48 -5.13 3.50
C LEU A 136 6.25 -4.49 2.13
N ALA A 137 6.72 -3.26 1.97
CA ALA A 137 6.66 -2.62 0.64
C ALA A 137 7.96 -2.88 -0.13
N MSE A 138 7.84 -3.58 -1.27
CA MSE A 138 8.98 -3.97 -2.11
C MSE A 138 9.13 -3.07 -3.33
O MSE A 138 8.14 -2.53 -3.83
CB MSE A 138 8.77 -5.38 -2.68
CG MSE A 138 8.32 -6.44 -1.68
SE MSE A 138 9.57 -6.67 -0.18
CE MSE A 138 11.00 -7.49 -1.17
N ASN A 139 10.35 -2.96 -3.85
CA ASN A 139 10.58 -2.29 -5.13
C ASN A 139 10.29 -3.22 -6.31
N SER A 140 9.58 -2.72 -7.33
CA SER A 140 9.64 -3.40 -8.63
C SER A 140 10.83 -2.87 -9.44
N VAL A 141 11.28 -1.69 -9.10
CA VAL A 141 12.38 -1.01 -9.78
C VAL A 141 13.32 -0.43 -8.73
N TYR A 142 14.63 -0.62 -8.93
CA TYR A 142 15.64 -0.05 -8.05
C TYR A 142 16.23 1.21 -8.68
N TYR A 143 16.15 2.34 -7.99
CA TYR A 143 16.66 3.61 -8.51
C TYR A 143 17.98 3.99 -7.88
N TYR A 144 18.88 4.56 -8.67
CA TYR A 144 20.18 4.98 -8.17
C TYR A 144 20.80 6.11 -8.99
N LYS A 145 21.82 6.74 -8.43
CA LYS A 145 22.62 7.71 -9.15
C LYS A 145 24.08 7.29 -9.15
N LYS A 146 24.74 7.49 -10.29
CA LYS A 146 26.17 7.21 -10.40
C LYS A 146 27.00 8.36 -9.82
N GLU A 147 26.36 9.51 -9.68
CA GLU A 147 27.01 10.69 -9.10
C GLU A 147 25.97 11.65 -8.50
N LYS A 148 26.45 12.42 -7.52
CA LYS A 148 25.68 13.36 -6.71
C LYS A 148 24.62 14.15 -7.50
N ASP A 149 25.04 14.83 -8.55
CA ASP A 149 24.14 15.69 -9.30
C ASP A 149 23.75 15.08 -10.66
N GLY A 150 23.77 13.74 -10.72
CA GLY A 150 23.59 13.03 -11.98
C GLY A 150 22.16 12.61 -12.19
N PRO A 151 21.84 12.18 -13.43
CA PRO A 151 20.49 11.66 -13.67
C PRO A 151 20.24 10.41 -12.83
N THR A 152 18.98 10.01 -12.71
CA THR A 152 18.62 8.78 -12.01
C THR A 152 18.69 7.60 -13.00
N PHE A 153 19.32 6.51 -12.58
CA PHE A 153 19.31 5.28 -13.37
C PHE A 153 18.40 4.27 -12.67
N SER A 154 17.98 3.24 -13.39
CA SER A 154 17.06 2.25 -12.81
C SER A 154 17.38 0.84 -13.27
N LYS A 155 17.07 -0.14 -12.41
CA LYS A 155 17.22 -1.55 -12.75
C LYS A 155 15.91 -2.23 -12.43
N LYS A 156 15.30 -2.88 -13.42
CA LYS A 156 14.08 -3.64 -13.19
C LYS A 156 14.39 -4.86 -12.33
N LEU A 157 13.61 -5.06 -11.28
CA LEU A 157 13.76 -6.26 -10.46
C LEU A 157 12.81 -7.34 -10.92
N ASP A 158 13.26 -8.58 -10.83
CA ASP A 158 12.44 -9.70 -11.23
C ASP A 158 11.26 -9.95 -10.29
N ASP A 159 10.06 -10.12 -10.85
CA ASP A 159 8.84 -10.28 -10.06
C ASP A 159 8.92 -11.45 -9.07
N SER A 160 9.45 -12.59 -9.51
CA SER A 160 9.48 -13.75 -8.62
C SER A 160 10.55 -13.57 -7.53
N GLU A 161 11.66 -12.94 -7.89
CA GLU A 161 12.69 -12.64 -6.90
C GLU A 161 12.18 -11.66 -5.86
N VAL A 162 11.42 -10.64 -6.28
CA VAL A 162 10.77 -9.72 -5.34
C VAL A 162 9.92 -10.53 -4.35
N LYS A 163 9.12 -11.46 -4.86
CA LYS A 163 8.23 -12.23 -3.97
C LYS A 163 9.02 -13.11 -3.01
N LYS A 164 10.02 -13.82 -3.55
CA LYS A 164 10.92 -14.68 -2.74
C LYS A 164 11.59 -13.86 -1.64
N GLN A 165 12.17 -12.73 -2.01
CA GLN A 165 12.76 -11.82 -1.03
C GLN A 165 11.76 -11.42 0.07
N GLY A 166 10.57 -10.98 -0.31
CA GLY A 166 9.54 -10.56 0.66
C GLY A 166 9.22 -11.66 1.65
N LYS A 167 9.05 -12.89 1.16
CA LYS A 167 8.70 -14.00 2.01
C LYS A 167 9.83 -14.30 3.03
N GLN A 168 11.09 -14.36 2.54
CA GLN A 168 12.25 -14.59 3.40
C GLN A 168 12.40 -13.48 4.44
N MSE A 169 12.16 -12.25 4.02
CA MSE A 169 12.25 -11.11 4.93
C MSE A 169 11.15 -11.16 5.98
O MSE A 169 11.40 -10.89 7.14
CB MSE A 169 12.17 -9.79 4.17
CG MSE A 169 13.41 -9.48 3.34
SE MSE A 169 12.98 -8.10 2.08
CE MSE A 169 14.70 -8.01 1.14
N ALA A 170 9.92 -11.46 5.55
CA ALA A 170 8.82 -11.60 6.50
C ALA A 170 9.13 -12.69 7.55
N SER A 171 9.72 -13.80 7.11
CA SER A 171 10.10 -14.89 8.05
C SER A 171 11.09 -14.39 9.10
N GLU A 172 12.06 -13.58 8.69
CA GLU A 172 13.06 -13.07 9.62
C GLU A 172 12.46 -12.03 10.57
N ILE A 173 11.54 -11.20 10.07
CA ILE A 173 10.83 -10.26 10.92
C ILE A 173 10.02 -11.00 11.99
N LEU A 174 9.34 -12.07 11.59
CA LEU A 174 8.54 -12.83 12.54
C LEU A 174 9.44 -13.41 13.63
N SER A 175 10.62 -13.95 13.26
CA SER A 175 11.55 -14.47 14.29
C SER A 175 11.98 -13.38 15.27
N ARG A 176 12.22 -12.18 14.75
CA ARG A 176 12.63 -11.07 15.61
C ARG A 176 11.53 -10.59 16.54
N LEU A 177 10.31 -10.47 16.00
CA LEU A 177 9.14 -10.15 16.83
C LEU A 177 8.90 -11.18 17.94
N ARG A 178 9.05 -12.47 17.63
CA ARG A 178 8.74 -13.49 18.62
C ARG A 178 9.73 -13.49 19.79
N GLU A 179 10.84 -12.80 19.63
CA GLU A 179 11.81 -12.67 20.73
C GLU A 179 11.29 -11.68 21.76
N ASN A 180 10.36 -10.83 21.36
CA ASN A 180 9.73 -9.92 22.31
C ASN A 180 8.75 -10.67 23.20
N ASP A 181 8.95 -10.59 24.51
CA ASP A 181 8.14 -11.35 25.47
C ASP A 181 6.64 -11.02 25.41
N ASP A 182 6.31 -9.80 25.00
CA ASP A 182 4.91 -9.42 24.84
C ASP A 182 4.29 -10.03 23.59
N LEU A 183 5.13 -10.54 22.69
CA LEU A 183 4.68 -10.95 21.35
C LEU A 183 4.82 -12.44 21.06
N LYS A 184 4.95 -13.24 22.12
CA LYS A 184 5.16 -14.67 21.98
C LYS A 184 3.98 -15.39 21.33
N ASP A 185 2.78 -14.86 21.49
CA ASP A 185 1.58 -15.66 21.23
C ASP A 185 0.62 -15.14 20.18
N ILE A 186 0.58 -13.82 20.00
CA ILE A 186 -0.42 -13.21 19.14
C ILE A 186 -0.31 -13.69 17.69
N PRO A 187 -1.45 -13.78 17.00
CA PRO A 187 -1.41 -13.96 15.57
C PRO A 187 -0.75 -12.73 14.96
N ILE A 188 0.01 -12.93 13.88
CA ILE A 188 0.66 -11.82 13.15
C ILE A 188 0.51 -12.09 11.68
N HIS A 189 -0.17 -11.15 11.01
CA HIS A 189 -0.42 -11.26 9.60
C HIS A 189 0.68 -10.53 8.83
N PHE A 190 1.20 -11.17 7.77
CA PHE A 190 2.17 -10.54 6.88
C PHE A 190 1.58 -10.39 5.47
N ALA A 191 1.89 -9.26 4.82
CA ALA A 191 1.53 -9.09 3.43
C ALA A 191 2.64 -8.36 2.71
N ILE A 192 2.84 -8.71 1.45
CA ILE A 192 3.92 -8.21 0.58
C ILE A 192 3.29 -7.42 -0.55
N TYR A 193 3.71 -6.17 -0.64
CA TYR A 193 3.26 -5.21 -1.65
C TYR A 193 4.39 -4.90 -2.60
N LYS A 194 4.09 -5.01 -3.89
CA LYS A 194 5.04 -4.61 -4.92
C LYS A 194 4.64 -3.28 -5.54
N GLN A 195 5.47 -2.27 -5.29
CA GLN A 195 5.27 -0.93 -5.83
C GLN A 195 5.35 -0.91 -7.33
N SER A 196 4.65 0.06 -7.94
CA SER A 196 4.83 0.33 -9.36
C SER A 196 6.10 1.18 -9.53
N SER A 197 6.40 1.61 -10.76
CA SER A 197 7.59 2.45 -10.98
C SER A 197 7.35 3.86 -10.42
N GLU A 198 8.41 4.62 -10.19
CA GLU A 198 8.25 5.96 -9.61
C GLU A 198 7.41 6.87 -10.48
N ASP A 199 7.39 6.60 -11.79
CA ASP A 199 6.69 7.45 -12.74
C ASP A 199 5.26 6.98 -13.05
N SER A 200 4.85 5.86 -12.48
CA SER A 200 3.54 5.30 -12.76
C SER A 200 2.45 6.10 -12.04
N ILE A 201 1.34 6.52 -12.64
N ILE A 201 1.36 6.22 -12.81
CA ILE A 201 0.34 7.16 -11.73
CA ILE A 201 0.09 6.83 -12.49
C ILE A 201 -0.43 6.07 -10.98
C ILE A 201 -0.93 5.80 -11.94
N THR A 202 -0.62 4.94 -11.68
N THR A 202 -0.59 4.50 -12.01
CA THR A 202 -1.18 3.72 -11.11
CA THR A 202 -1.25 3.51 -11.14
C THR A 202 -0.24 3.15 -10.04
C THR A 202 -0.27 3.06 -10.05
N PRO A 203 -0.77 2.88 -8.81
CA PRO A 203 0.08 2.36 -7.74
C PRO A 203 0.35 0.87 -7.91
N GLY A 204 1.17 0.30 -7.02
CA GLY A 204 1.43 -1.14 -7.08
C GLY A 204 0.29 -2.01 -6.56
N GLU A 205 0.64 -3.20 -6.11
CA GLU A 205 -0.35 -4.16 -5.63
C GLU A 205 0.21 -5.15 -4.65
N PHE A 206 -0.64 -5.67 -3.79
CA PHE A 206 -0.26 -6.79 -2.95
C PHE A 206 -0.12 -8.03 -3.80
N ILE A 207 0.82 -8.88 -3.41
CA ILE A 207 1.14 -10.05 -4.22
C ILE A 207 1.03 -11.37 -3.45
N THR A 208 1.14 -11.32 -2.11
CA THR A 208 1.04 -12.54 -1.29
C THR A 208 0.87 -12.12 0.16
N GLN A 209 0.30 -13.02 0.95
CA GLN A 209 0.12 -12.83 2.39
C GLN A 209 0.17 -14.17 3.13
N ALA A 210 0.42 -14.08 4.44
CA ALA A 210 0.45 -15.28 5.30
C ALA A 210 0.20 -14.86 6.75
N THR A 211 -0.49 -15.69 7.52
CA THR A 211 -0.76 -15.39 8.92
C THR A 211 -0.02 -16.39 9.80
N ALA A 212 0.85 -15.89 10.68
CA ALA A 212 1.36 -16.75 11.72
C ALA A 212 0.26 -16.78 12.77
N GLU A 213 -0.36 -17.96 12.94
CA GLU A 213 -1.40 -18.13 13.95
C GLU A 213 -0.75 -18.24 15.31
N LYS A 214 -1.54 -18.49 16.34
CA LYS A 214 -1.08 -18.37 17.72
C LYS A 214 0.22 -19.10 18.05
N SER A 215 1.18 -18.32 18.58
CA SER A 215 2.48 -18.82 19.02
C SER A 215 3.41 -19.32 17.90
N GLN A 216 3.01 -19.16 16.65
CA GLN A 216 3.82 -19.68 15.54
C GLN A 216 4.99 -18.77 15.19
N THR A 217 6.16 -19.39 15.05
CA THR A 217 7.42 -18.65 14.79
C THR A 217 7.90 -18.76 13.33
N LYS A 218 7.21 -19.59 12.55
CA LYS A 218 7.54 -19.82 11.13
C LYS A 218 6.39 -19.38 10.26
N LEU A 219 6.69 -18.96 9.04
CA LEU A 219 5.68 -18.82 7.98
C LEU A 219 5.85 -19.91 6.89
N GLU A 221 3.51 -20.91 4.83
CA GLU A 221 2.38 -21.13 3.94
C GLU A 221 1.74 -19.83 3.44
N TRP A 222 1.97 -19.52 2.18
CA TRP A 222 1.62 -18.23 1.65
C TRP A 222 0.43 -18.37 0.69
N HIS A 223 -0.35 -17.31 0.55
CA HIS A 223 -1.49 -17.29 -0.35
C HIS A 223 -1.31 -16.18 -1.34
N ASN A 224 -1.18 -16.51 -2.63
CA ASN A 224 -1.02 -15.44 -3.59
C ASN A 224 -2.21 -14.49 -3.54
N ILE A 225 -1.92 -13.24 -3.87
CA ILE A 225 -2.96 -12.27 -4.10
C ILE A 225 -2.81 -11.87 -5.55
N ASN A 226 -3.89 -12.01 -6.31
CA ASN A 226 -3.90 -11.64 -7.70
C ASN A 226 -4.62 -10.31 -7.89
N GLU A 227 -3.85 -9.23 -7.78
CA GLU A 227 -4.44 -7.90 -7.68
C GLU A 227 -3.79 -7.00 -8.71
N LYS A 228 -4.61 -6.18 -9.35
CA LYS A 228 -4.15 -5.17 -10.28
C LYS A 228 -4.84 -3.86 -10.03
N SER A 229 -4.04 -2.81 -9.78
CA SER A 229 -4.55 -1.44 -9.65
C SER A 229 -4.77 -0.95 -11.06
N ALA A 230 -5.87 -0.23 -11.29
CA ALA A 230 -6.16 0.36 -12.59
C ALA A 230 -6.80 1.74 -12.49
N LEU A 231 -6.51 2.57 -13.47
CA LEU A 231 -7.24 3.83 -13.66
C LEU A 231 -8.52 3.55 -14.47
N LEU A 232 -9.51 4.43 -14.33
CA LEU A 232 -10.72 4.38 -15.14
C LEU A 232 -11.00 5.75 -15.76
N PRO A 233 -11.29 5.80 -17.08
CA PRO A 233 -11.21 4.66 -17.98
C PRO A 233 -9.76 4.43 -18.36
N SER A 234 -9.42 3.20 -18.76
CA SER A 234 -8.08 2.91 -19.26
C SER A 234 -8.05 1.62 -20.04
N SER A 235 -6.94 1.41 -20.74
CA SER A 235 -6.68 0.14 -21.39
C SER A 235 -6.60 -0.97 -20.36
N THR A 236 -6.01 -0.68 -19.21
CA THR A 236 -5.89 -1.69 -18.17
C THR A 236 -7.29 -2.13 -17.73
N ALA A 237 -8.19 -1.16 -17.49
CA ALA A 237 -9.54 -1.48 -17.09
C ALA A 237 -10.29 -2.24 -18.18
N ALA A 238 -10.14 -1.81 -19.44
CA ALA A 238 -10.74 -2.51 -20.57
C ALA A 238 -10.26 -3.97 -20.65
N ASP A 239 -8.98 -4.16 -20.36
CA ASP A 239 -8.32 -5.47 -20.39
C ASP A 239 -8.96 -6.36 -19.31
N TYR A 240 -8.97 -5.91 -18.06
CA TYR A 240 -9.48 -6.73 -16.96
C TYR A 240 -11.01 -6.88 -16.93
N ASP A 241 -11.74 -5.82 -17.26
CA ASP A 241 -13.20 -5.83 -17.14
C ASP A 241 -13.76 -4.80 -18.09
N GLU A 242 -13.86 -5.19 -19.35
CA GLU A 242 -14.38 -4.34 -20.40
C GLU A 242 -15.74 -3.70 -20.10
N ASN A 243 -16.62 -4.44 -19.43
CA ASN A 243 -17.96 -3.91 -19.12
C ASN A 243 -17.90 -2.76 -18.13
N LEU A 244 -17.03 -2.89 -17.13
CA LEU A 244 -16.83 -1.82 -16.16
C LEU A 244 -16.27 -0.58 -16.86
N ASN A 245 -15.30 -0.80 -17.74
CA ASN A 245 -14.67 0.31 -18.42
C ASN A 245 -15.70 1.03 -19.30
N ASN A 246 -16.53 0.25 -20.00
CA ASN A 246 -17.57 0.81 -20.87
C ASN A 246 -18.60 1.55 -20.02
N ASN A 247 -18.98 0.96 -18.89
CA ASN A 247 -19.91 1.61 -17.96
C ASN A 247 -19.39 2.92 -17.40
N PHE A 248 -18.12 2.96 -17.01
CA PHE A 248 -17.50 4.19 -16.55
C PHE A 248 -17.52 5.25 -17.65
N LYS A 249 -17.14 4.87 -18.87
CA LYS A 249 -17.19 5.81 -20.00
C LYS A 249 -18.60 6.35 -20.23
N GLN A 250 -19.61 5.48 -20.09
CA GLN A 250 -21.01 5.88 -20.23
C GLN A 250 -21.48 6.77 -19.06
N PHE A 251 -21.01 6.48 -17.84
CA PHE A 251 -21.22 7.34 -16.67
C PHE A 251 -20.73 8.76 -16.98
N ASN A 252 -19.48 8.85 -17.45
CA ASN A 252 -18.91 10.11 -17.90
C ASN A 252 -19.67 10.82 -19.02
N ASP A 253 -20.12 10.05 -20.02
CA ASP A 253 -20.88 10.63 -21.11
C ASP A 253 -22.21 11.17 -20.63
N ASN A 254 -22.83 10.44 -19.70
CA ASN A 254 -24.06 10.89 -19.08
C ASN A 254 -23.87 12.18 -18.30
N LEU A 255 -22.69 12.37 -17.72
CA LEU A 255 -22.41 13.61 -17.00
C LEU A 255 -22.52 14.85 -17.89
N GLN A 256 -22.79 14.67 -19.18
CA GLN A 256 -23.29 15.77 -20.05
C GLN A 256 -24.62 15.44 -20.70
N GLN A 264 -14.20 14.05 -17.71
CA GLN A 264 -14.66 14.74 -16.51
C GLN A 264 -14.32 13.96 -15.22
N ALA A 265 -15.08 12.90 -14.90
CA ALA A 265 -14.76 12.03 -13.77
C ALA A 265 -13.62 11.06 -14.08
N VAL A 266 -12.81 10.76 -13.05
CA VAL A 266 -11.67 9.86 -13.18
C VAL A 266 -11.72 8.87 -12.02
N GLY A 267 -11.52 7.60 -12.31
CA GLY A 267 -11.63 6.60 -11.29
C GLY A 267 -10.37 5.78 -11.09
N LYS A 268 -10.36 5.08 -9.97
CA LYS A 268 -9.38 4.03 -9.79
C LYS A 268 -10.08 2.86 -9.14
N VAL A 269 -9.56 1.67 -9.39
CA VAL A 269 -10.22 0.46 -8.95
C VAL A 269 -9.14 -0.61 -8.77
N LYS A 270 -9.45 -1.64 -7.98
CA LYS A 270 -8.60 -2.81 -7.89
C LYS A 270 -9.34 -3.96 -8.57
N PHE A 271 -8.64 -4.74 -9.38
CA PHE A 271 -9.18 -6.02 -9.82
C PHE A 271 -8.52 -7.09 -9.00
N VAL A 272 -9.34 -7.82 -8.26
CA VAL A 272 -8.82 -8.93 -7.50
C VAL A 272 -9.39 -10.20 -8.12
N ASP A 273 -8.51 -11.01 -8.68
CA ASP A 273 -8.92 -12.18 -9.45
C ASP A 273 -9.89 -11.74 -10.56
N LYS A 274 -9.53 -10.63 -11.20
CA LYS A 274 -10.25 -10.07 -12.37
C LYS A 274 -11.57 -9.39 -12.01
N LYS A 275 -11.94 -9.39 -10.74
CA LYS A 275 -13.22 -8.82 -10.32
C LYS A 275 -13.02 -7.45 -9.64
N PRO A 276 -13.72 -6.39 -10.12
CA PRO A 276 -13.45 -5.06 -9.56
C PRO A 276 -13.91 -4.89 -8.12
N GLN A 277 -13.10 -4.19 -7.34
CA GLN A 277 -13.47 -3.81 -5.98
C GLN A 277 -12.80 -2.49 -5.60
N ARG A 278 -13.34 -1.84 -4.59
CA ARG A 278 -12.79 -0.61 -4.01
C ARG A 278 -12.63 0.46 -5.08
N LEU A 279 -13.74 0.78 -5.73
CA LEU A 279 -13.78 1.83 -6.72
C LEU A 279 -13.75 3.20 -6.04
N VAL A 280 -12.88 4.08 -6.50
CA VAL A 280 -12.80 5.45 -5.97
C VAL A 280 -12.90 6.39 -7.16
N VAL A 281 -13.88 7.29 -7.14
CA VAL A 281 -14.12 8.19 -8.26
C VAL A 281 -13.94 9.64 -7.77
N ASP A 282 -13.17 10.41 -8.53
CA ASP A 282 -13.02 11.83 -8.24
C ASP A 282 -13.78 12.58 -9.30
N LEU A 283 -14.63 13.50 -8.85
CA LEU A 283 -15.48 14.26 -9.74
C LEU A 283 -15.30 15.74 -9.43
N PRO A 284 -14.45 16.43 -10.22
CA PRO A 284 -14.27 17.87 -10.05
C PRO A 284 -15.43 18.67 -10.62
N ILE A 285 -15.87 19.66 -9.86
CA ILE A 285 -16.94 20.55 -10.28
C ILE A 285 -16.49 21.98 -10.12
N ASP A 286 -17.22 22.88 -10.77
CA ASP A 286 -17.00 24.30 -10.62
C ASP A 286 -17.43 24.75 -9.19
N TYR A 287 -17.13 26.00 -8.84
CA TYR A 287 -17.48 26.61 -7.53
C TYR A 287 -18.96 26.94 -7.39
N TYR A 288 -19.76 25.89 -7.27
CA TYR A 288 -21.19 26.04 -7.17
C TYR A 288 -21.64 26.38 -5.75
N GLY A 289 -22.86 26.90 -5.63
CA GLY A 289 -23.46 27.02 -4.31
C GLY A 289 -23.89 25.66 -3.78
N GLN A 290 -24.41 25.66 -2.56
CA GLN A 290 -24.81 24.40 -1.91
C GLN A 290 -26.02 23.76 -2.55
N ALA A 291 -26.97 24.59 -3.02
CA ALA A 291 -28.15 24.03 -3.69
C ALA A 291 -27.75 23.26 -4.96
N GLU A 292 -26.90 23.86 -5.81
CA GLU A 292 -26.42 23.13 -6.99
C GLU A 292 -25.65 21.86 -6.60
N THR A 293 -24.87 21.93 -5.54
CA THR A 293 -24.16 20.76 -5.04
C THR A 293 -25.09 19.60 -4.69
N ILE A 294 -26.20 19.87 -4.00
CA ILE A 294 -27.23 18.84 -3.79
C ILE A 294 -27.74 18.31 -5.15
N GLY A 295 -28.12 19.19 -6.08
CA GLY A 295 -28.59 18.74 -7.39
C GLY A 295 -27.60 17.84 -8.14
N ILE A 296 -26.34 18.23 -8.11
CA ILE A 296 -25.29 17.39 -8.71
C ILE A 296 -25.25 15.99 -8.05
N THR A 297 -25.33 15.96 -6.73
N THR A 297 -25.29 15.92 -6.72
CA THR A 297 -25.27 14.71 -5.99
CA THR A 297 -25.29 14.61 -6.03
C THR A 297 -26.51 13.84 -6.27
C THR A 297 -26.52 13.80 -6.41
N GLN A 298 -27.66 14.49 -6.49
CA GLN A 298 -28.90 13.77 -6.83
C GLN A 298 -28.74 13.03 -8.16
N TYR A 299 -28.12 13.70 -9.12
CA TYR A 299 -27.92 13.10 -10.44
C TYR A 299 -26.84 12.03 -10.44
N VAL A 300 -25.72 12.31 -9.78
CA VAL A 300 -24.58 11.40 -9.74
C VAL A 300 -24.95 10.13 -8.98
N THR A 301 -25.73 10.28 -7.90
CA THR A 301 -26.23 9.12 -7.16
C THR A 301 -27.03 8.19 -8.06
N GLU A 302 -27.88 8.78 -8.90
CA GLU A 302 -28.66 8.02 -9.84
C GLU A 302 -27.76 7.27 -10.83
N GLN A 303 -26.74 7.95 -11.33
CA GLN A 303 -25.81 7.33 -12.28
C GLN A 303 -24.95 6.25 -11.66
N ALA A 304 -24.49 6.45 -10.43
CA ALA A 304 -23.75 5.42 -9.70
C ALA A 304 -24.57 4.15 -9.48
N ASN A 305 -25.85 4.31 -9.16
CA ASN A 305 -26.79 3.19 -9.08
C ASN A 305 -26.91 2.41 -10.37
N LYS A 306 -26.91 3.13 -11.48
CA LYS A 306 -27.04 2.53 -12.80
C LYS A 306 -25.77 1.78 -13.20
N TYR A 307 -24.60 2.38 -12.93
CA TYR A 307 -23.37 1.87 -13.52
C TYR A 307 -22.38 1.16 -12.58
N PHE A 308 -22.54 1.32 -11.28
CA PHE A 308 -21.55 0.78 -10.33
C PHE A 308 -22.11 -0.23 -9.35
N ASP A 309 -23.34 -0.65 -9.57
CA ASP A 309 -24.09 -1.50 -8.63
C ASP A 309 -23.43 -2.86 -8.31
N LYS A 310 -22.61 -3.37 -9.24
CA LYS A 310 -21.97 -4.68 -9.05
C LYS A 310 -20.68 -4.59 -8.23
N ILE A 311 -20.31 -3.37 -7.84
CA ILE A 311 -19.11 -3.17 -7.04
C ILE A 311 -19.50 -3.02 -5.58
N ASP A 312 -18.98 -3.91 -4.73
CA ASP A 312 -19.37 -3.95 -3.32
C ASP A 312 -19.10 -2.63 -2.57
N ASN A 313 -17.90 -2.09 -2.77
N ASN A 313 -17.89 -2.10 -2.74
CA ASN A 313 -17.46 -0.88 -2.11
CA ASN A 313 -17.49 -0.86 -2.07
C ASN A 313 -17.00 0.19 -3.10
C ASN A 313 -16.99 0.19 -3.06
N TYR A 314 -17.62 1.37 -3.03
CA TYR A 314 -17.21 2.49 -3.86
C TYR A 314 -17.40 3.81 -3.14
N GLU A 315 -16.65 4.81 -3.55
CA GLU A 315 -16.92 6.14 -3.05
C GLU A 315 -16.68 7.11 -4.18
N ILE A 316 -17.51 8.14 -4.24
CA ILE A 316 -17.39 9.19 -5.23
C ILE A 316 -17.13 10.50 -4.47
N ARG A 317 -16.00 11.13 -4.76
CA ARG A 317 -15.60 12.36 -4.08
C ARG A 317 -15.84 13.54 -5.02
N ILE A 318 -16.82 14.35 -4.66
CA ILE A 318 -17.17 15.53 -5.43
C ILE A 318 -16.50 16.71 -4.75
N LYS A 319 -15.76 17.49 -5.54
CA LYS A 319 -14.95 18.59 -5.02
C LYS A 319 -14.80 19.70 -6.05
N ASP A 320 -14.61 20.91 -5.55
CA ASP A 320 -14.29 22.01 -6.43
C ASP A 320 -12.81 22.31 -6.27
N GLY A 321 -12.32 23.42 -6.80
CA GLY A 321 -10.92 23.75 -6.68
C GLY A 321 -10.43 24.08 -5.27
N ASN A 322 -11.36 24.28 -4.34
CA ASN A 322 -11.03 24.63 -2.95
C ASN A 322 -11.11 23.46 -1.97
N GLN A 323 -12.12 22.60 -2.13
CA GLN A 323 -12.50 21.67 -1.05
C GLN A 323 -13.52 20.59 -1.45
N PRO A 324 -13.59 19.50 -0.66
CA PRO A 324 -14.67 18.53 -0.85
C PRO A 324 -16.05 19.19 -0.70
N ARG A 325 -16.94 18.85 -1.63
CA ARG A 325 -18.30 19.42 -1.65
C ARG A 325 -19.34 18.37 -1.30
N ALA A 326 -19.10 17.13 -1.71
CA ALA A 326 -20.00 16.02 -1.37
C ALA A 326 -19.29 14.66 -1.46
N LEU A 327 -19.83 13.69 -0.73
CA LEU A 327 -19.34 12.31 -0.76
C LEU A 327 -20.51 11.37 -0.94
N ILE A 328 -20.39 10.50 -1.94
CA ILE A 328 -21.38 9.44 -2.14
C ILE A 328 -20.61 8.15 -1.91
N SER A 329 -21.09 7.30 -1.01
CA SER A 329 -20.39 6.07 -0.74
C SER A 329 -21.33 4.88 -0.57
N LYS A 330 -20.79 3.71 -0.83
CA LYS A 330 -21.57 2.49 -0.78
C LYS A 330 -20.67 1.40 -0.22
N THR A 331 -21.16 0.66 0.75
CA THR A 331 -20.50 -0.55 1.24
C THR A 331 -21.47 -1.69 1.02
N LYS A 332 -21.00 -2.92 1.19
CA LYS A 332 -21.79 -4.11 0.86
C LYS A 332 -23.11 -4.17 1.61
N ASP A 333 -23.12 -3.71 2.86
CA ASP A 333 -24.31 -3.74 3.69
C ASP A 333 -25.09 -2.41 3.65
N ASP A 334 -24.91 -1.68 2.55
CA ASP A 334 -25.74 -0.52 2.26
C ASP A 334 -26.80 -0.94 1.26
N LYS A 335 -28.05 -0.72 1.62
CA LYS A 335 -29.17 -0.92 0.70
C LYS A 335 -29.00 0.02 -0.49
N GLU A 336 -28.78 1.30 -0.20
N GLU A 336 -28.81 1.30 -0.21
CA GLU A 336 -28.60 2.34 -1.20
CA GLU A 336 -28.59 2.31 -1.24
C GLU A 336 -27.28 3.07 -0.93
C GLU A 336 -27.30 3.09 -0.93
N PRO A 337 -26.77 3.83 -1.92
CA PRO A 337 -25.57 4.66 -1.64
C PRO A 337 -25.88 5.77 -0.62
N GLN A 338 -24.89 6.09 0.22
CA GLN A 338 -25.05 7.09 1.26
C GLN A 338 -24.48 8.41 0.78
N VAL A 339 -25.19 9.50 1.04
CA VAL A 339 -24.82 10.79 0.52
C VAL A 339 -24.54 11.78 1.65
N HIS A 340 -23.37 12.43 1.62
CA HIS A 340 -23.06 13.46 2.60
C HIS A 340 -22.76 14.75 1.86
N ILE A 341 -23.43 15.85 2.20
CA ILE A 341 -23.10 17.15 1.64
C ILE A 341 -22.30 17.90 2.69
N TYR A 342 -21.11 18.37 2.33
CA TYR A 342 -20.25 19.03 3.30
C TYR A 342 -20.83 20.43 3.54
N SER A 343 -20.73 20.89 4.76
CA SER A 343 -21.14 22.25 5.09
C SER A 343 -20.16 23.25 4.47
N ASN A 344 -20.59 24.52 4.44
CA ASN A 344 -19.72 25.61 4.06
C ASN A 344 -18.56 25.73 5.06
C1 EDO B . 2.79 3.97 3.98
O1 EDO B . 4.20 3.90 3.74
C2 EDO B . 2.43 5.29 4.63
O2 EDO B . 2.95 5.26 5.98
C1 EDO C . -6.13 -14.31 13.55
O1 EDO C . -6.40 -15.66 13.17
C2 EDO C . -7.47 -13.66 13.88
O2 EDO C . -8.36 -13.90 12.79
C1 EDO D . 11.85 -6.88 17.93
O1 EDO D . 12.58 -5.64 17.85
C2 EDO D . 10.50 -6.54 18.53
O2 EDO D . 10.73 -6.08 19.86
C1 EDO E . -19.69 27.63 -1.57
O1 EDO E . -21.11 27.68 -1.26
C2 EDO E . -19.41 28.32 -2.89
O2 EDO E . -20.55 29.14 -3.16
C1 EDO F . -9.40 -10.41 21.88
O1 EDO F . -10.10 -10.17 23.11
C2 EDO F . -9.88 -9.44 20.81
O2 EDO F . -10.93 -10.04 20.08
#